data_7DOH
#
_entry.id   7DOH
#
_cell.length_a   51.427
_cell.length_b   74.341
_cell.length_c   108.103
_cell.angle_alpha   90.000
_cell.angle_beta   90.000
_cell.angle_gamma   90.000
#
_symmetry.space_group_name_H-M   'P 21 21 21'
#
loop_
_entity.id
_entity.type
_entity.pdbx_description
1 polymer GLY-THR-GLY-ALA-THR-PRO-ALA-ASP-ASP
2 polymer 'GD-26 Fab L-chain'
3 polymer 'GD-26 Fab H-chain'
4 water water
#
loop_
_entity_poly.entity_id
_entity_poly.type
_entity_poly.pdbx_seq_one_letter_code
_entity_poly.pdbx_strand_id
1 'polypeptide(L)' GTGATPADD I
2 'polypeptide(L)'
;DVVLTQTPLSLSVTIGQPASISCRSSQRLLYSNGKTYLNWFQQRPGQAPKYLMFQVSKLGPGIPARFSGSGSETDFTLKI
SRVEAEDLGVYYCFQGTFFPHTFGGGTKLEMKRADAAPTVSIFPPSSEQLTSGGASVVCFLNNFYPKDINVKWKIDGSER
QNGVLNSWTDQDSKDSTYSMSSTLTLTKDEYERHNSYTCEATHKTSTSPIVKSFNRNEC
;
L
3 'polypeptide(L)'
;QVQLRQSGPELVKPGASVKMSCRASGYTFTNYNIHWVRQRPGQGLEWIGWIYPVDGTTKYNEKFKDKTTLTSDKSSSTAY
MSLSGLTSEDSAIYFCARGLDNWGQGTSVTVSSAKTTAPSVYPLAPVCGDTTGSSVTLGCLVKGYFPEPVTLTWNSGSLS
SGVHTFPAVLQSDLYTLSSSVTVTSSTWPSQSITCNVAHPASSTKVDKKIEPRGPTIKPGSHHHHHH
;
H
#
# COMPACT_ATOMS: atom_id res chain seq x y z
N GLY A 1 26.01 -19.41 6.41
CA GLY A 1 24.64 -19.03 6.12
C GLY A 1 24.28 -17.68 6.70
N THR A 2 23.00 -17.34 6.64
CA THR A 2 22.48 -16.12 7.22
C THR A 2 21.88 -16.33 8.61
N GLY A 3 21.71 -17.59 9.04
CA GLY A 3 21.08 -17.90 10.31
C GLY A 3 19.56 -17.88 10.32
N ALA A 4 18.91 -17.63 9.17
CA ALA A 4 17.47 -17.33 9.16
C ALA A 4 16.60 -18.57 9.32
N THR A 5 17.04 -19.70 8.78
CA THR A 5 16.34 -20.98 8.86
C THR A 5 17.39 -22.05 8.91
N PRO A 6 17.03 -23.30 9.27
CA PRO A 6 18.04 -24.37 9.24
C PRO A 6 18.75 -24.50 7.89
N ALA A 7 17.99 -24.42 6.79
CA ALA A 7 18.62 -24.52 5.47
C ALA A 7 19.51 -23.33 5.17
N ASP A 8 19.29 -22.19 5.83
CA ASP A 8 20.15 -21.01 5.70
C ASP A 8 21.19 -20.93 6.80
N ASP A 9 21.45 -22.04 7.50
CA ASP A 9 22.29 -21.98 8.68
C ASP A 9 23.37 -23.05 8.57
N ASP B 1 0.19 -25.83 10.01
CA ASP B 1 1.18 -24.78 9.88
C ASP B 1 1.27 -23.96 11.15
N VAL B 2 2.44 -23.38 11.41
CA VAL B 2 2.61 -22.46 12.52
C VAL B 2 1.92 -21.16 12.19
N VAL B 3 1.14 -20.65 13.14
CA VAL B 3 0.53 -19.33 13.02
C VAL B 3 1.18 -18.42 14.05
N LEU B 4 1.62 -17.25 13.59
CA LEU B 4 2.21 -16.24 14.44
C LEU B 4 1.22 -15.09 14.59
N THR B 5 0.95 -14.71 15.84
CA THR B 5 -0.02 -13.68 16.18
C THR B 5 0.73 -12.49 16.80
N GLN B 6 0.64 -11.33 16.16
CA GLN B 6 1.34 -10.13 16.60
C GLN B 6 0.38 -9.14 17.28
N THR B 7 0.87 -8.47 18.33
CA THR B 7 0.12 -7.44 19.05
C THR B 7 1.06 -6.31 19.41
N PRO B 8 0.60 -5.05 19.37
CA PRO B 8 -0.72 -4.62 18.88
C PRO B 8 -0.73 -4.59 17.36
N LEU B 9 -1.89 -4.40 16.73
CA LEU B 9 -1.89 -4.23 15.28
C LEU B 9 -1.20 -2.93 14.88
N SER B 10 -1.37 -1.88 15.69
CA SER B 10 -0.76 -0.58 15.46
C SER B 10 -0.25 -0.04 16.79
N LEU B 11 0.94 0.57 16.76
CA LEU B 11 1.52 1.18 17.95
C LEU B 11 1.86 2.63 17.63
N SER B 12 1.29 3.55 18.41
CA SER B 12 1.57 4.97 18.24
C SER B 12 2.78 5.34 19.09
N VAL B 13 3.89 5.62 18.43
CA VAL B 13 5.15 5.82 19.10
C VAL B 13 5.47 7.31 19.17
N THR B 14 6.46 7.65 19.99
CA THR B 14 6.95 9.00 20.16
C THR B 14 8.47 8.96 20.08
N ILE B 15 9.05 9.90 19.33
CA ILE B 15 10.51 9.95 19.21
C ILE B 15 11.14 10.07 20.59
N GLY B 16 12.14 9.23 20.85
CA GLY B 16 12.84 9.23 22.12
C GLY B 16 12.23 8.35 23.18
N GLN B 17 11.08 7.73 22.92
CA GLN B 17 10.41 6.91 23.89
C GLN B 17 10.55 5.43 23.52
N PRO B 18 10.52 4.53 24.50
CA PRO B 18 10.65 3.11 24.20
C PRO B 18 9.42 2.57 23.47
N ALA B 19 9.62 1.46 22.78
CA ALA B 19 8.54 0.75 22.12
C ALA B 19 8.74 -0.75 22.32
N SER B 20 7.63 -1.47 22.39
CA SER B 20 7.67 -2.92 22.56
C SER B 20 6.49 -3.53 21.82
N ILE B 21 6.76 -4.60 21.07
CA ILE B 21 5.74 -5.33 20.31
C ILE B 21 5.96 -6.82 20.51
N SER B 22 4.90 -7.60 20.34
CA SER B 22 4.88 -9.01 20.74
C SER B 22 4.46 -9.91 19.60
N CYS B 23 4.94 -11.16 19.65
CA CYS B 23 4.66 -12.16 18.64
C CYS B 23 4.41 -13.49 19.36
N ARG B 24 3.19 -14.00 19.27
CA ARG B 24 2.82 -15.27 19.88
C ARG B 24 2.82 -16.36 18.82
N SER B 25 3.50 -17.47 19.12
CA SER B 25 3.55 -18.62 18.23
C SER B 25 2.52 -19.65 18.67
N SER B 26 1.86 -20.26 17.68
CA SER B 26 0.88 -21.31 17.98
C SER B 26 1.53 -22.57 18.51
N GLN B 27 2.85 -22.69 18.42
CA GLN B 27 3.56 -23.85 18.96
C GLN B 27 5.02 -23.47 19.19
N ARG B 28 5.72 -24.31 19.96
CA ARG B 28 7.14 -24.10 20.22
C ARG B 28 7.93 -24.10 18.92
N LEU B 29 9.02 -23.35 18.92
CA LEU B 29 9.84 -23.11 17.73
C LEU B 29 11.27 -23.58 17.89
N LEU B 30 11.54 -24.44 18.88
CA LEU B 30 12.88 -24.99 19.07
C LEU B 30 13.14 -26.04 17.99
N TYR B 31 14.18 -25.84 17.20
CA TYR B 31 14.57 -26.81 16.18
C TYR B 31 15.45 -27.89 16.81
N SER B 32 15.61 -29.00 16.08
CA SER B 32 16.31 -30.16 16.62
C SER B 32 17.78 -29.89 16.91
N ASN B 33 18.35 -28.83 16.35
CA ASN B 33 19.73 -28.43 16.65
C ASN B 33 19.82 -27.49 17.83
N GLY B 34 18.73 -27.28 18.57
CA GLY B 34 18.73 -26.42 19.73
C GLY B 34 18.55 -24.94 19.45
N LYS B 35 18.43 -24.55 18.18
CA LYS B 35 18.23 -23.15 17.81
C LYS B 35 16.76 -22.86 17.57
N THR B 36 16.37 -21.61 17.80
CA THR B 36 14.99 -21.17 17.66
C THR B 36 14.95 -20.13 16.56
N TYR B 37 14.36 -20.48 15.42
CA TYR B 37 14.43 -19.63 14.23
C TYR B 37 13.23 -18.68 14.17
N LEU B 38 13.19 -17.79 15.15
CA LEU B 38 12.21 -16.71 15.18
C LEU B 38 12.91 -15.41 14.79
N ASN B 39 12.46 -14.79 13.71
CA ASN B 39 13.14 -13.64 13.14
C ASN B 39 12.18 -12.47 13.06
N TRP B 40 12.74 -11.27 12.92
CA TRP B 40 11.95 -10.06 12.76
C TRP B 40 12.41 -9.32 11.51
N PHE B 41 11.43 -8.77 10.77
CA PHE B 41 11.69 -7.97 9.59
C PHE B 41 10.98 -6.63 9.75
N GLN B 42 11.62 -5.57 9.25
CA GLN B 42 11.04 -4.23 9.22
C GLN B 42 10.82 -3.82 7.77
N GLN B 43 9.64 -3.30 7.48
CA GLN B 43 9.33 -2.83 6.12
C GLN B 43 8.77 -1.43 6.18
N ARG B 44 9.47 -0.50 5.56
CA ARG B 44 8.91 0.82 5.37
C ARG B 44 8.01 0.80 4.14
N PRO B 45 6.81 1.36 4.19
CA PRO B 45 5.87 1.21 3.09
C PRO B 45 6.48 1.66 1.76
N GLY B 46 6.19 0.90 0.71
CA GLY B 46 6.78 1.13 -0.58
C GLY B 46 8.19 0.59 -0.73
N GLN B 47 8.76 0.01 0.31
CA GLN B 47 10.13 -0.50 0.27
C GLN B 47 10.13 -2.00 0.56
N ALA B 48 11.34 -2.60 0.45
CA ALA B 48 11.48 -4.01 0.71
C ALA B 48 11.73 -4.26 2.20
N PRO B 49 11.29 -5.42 2.72
CA PRO B 49 11.59 -5.76 4.11
C PRO B 49 13.10 -5.88 4.34
N LYS B 50 13.52 -5.54 5.56
CA LYS B 50 14.90 -5.66 5.99
C LYS B 50 14.99 -6.67 7.14
N TYR B 51 16.06 -7.46 7.13
CA TYR B 51 16.36 -8.49 8.14
C TYR B 51 16.83 -7.80 9.40
N LEU B 52 15.96 -7.73 10.40
CA LEU B 52 16.23 -6.93 11.59
C LEU B 52 16.84 -7.75 12.72
N MET B 53 16.39 -8.99 12.89
CA MET B 53 16.74 -9.80 14.04
C MET B 53 16.51 -11.25 13.64
N PHE B 54 17.40 -12.14 14.07
CA PHE B 54 17.22 -13.56 13.79
C PHE B 54 17.53 -14.38 15.03
N GLN B 55 16.99 -15.59 15.06
CA GLN B 55 17.16 -16.50 16.19
C GLN B 55 16.87 -15.80 17.51
N VAL B 56 15.71 -15.14 17.55
CA VAL B 56 15.13 -14.49 18.72
C VAL B 56 15.81 -13.17 19.06
N SER B 57 17.14 -13.19 19.17
CA SER B 57 17.85 -12.08 19.80
C SER B 57 19.12 -11.65 19.08
N LYS B 58 19.40 -12.17 17.89
CA LYS B 58 20.65 -11.88 17.19
C LYS B 58 20.40 -10.76 16.18
N LEU B 59 21.11 -9.65 16.35
CA LEU B 59 20.88 -8.50 15.47
C LEU B 59 21.25 -8.83 14.02
N GLY B 60 20.41 -8.36 13.09
CA GLY B 60 20.73 -8.44 11.68
C GLY B 60 21.91 -7.57 11.34
N PRO B 61 22.50 -7.76 10.16
CA PRO B 61 23.66 -6.95 9.78
C PRO B 61 23.30 -5.47 9.73
N GLY B 62 24.16 -4.65 10.35
CA GLY B 62 23.98 -3.22 10.33
C GLY B 62 22.80 -2.70 11.13
N ILE B 63 22.10 -3.55 11.87
CA ILE B 63 20.95 -3.10 12.64
C ILE B 63 21.44 -2.47 13.94
N PRO B 64 20.93 -1.30 14.33
CA PRO B 64 21.45 -0.63 15.52
C PRO B 64 21.01 -1.31 16.80
N ALA B 65 21.83 -1.11 17.85
CA ALA B 65 21.65 -1.78 19.13
C ALA B 65 20.41 -1.32 19.89
N ARG B 66 19.72 -0.27 19.43
CA ARG B 66 18.47 0.09 20.08
C ARG B 66 17.39 -0.98 19.92
N PHE B 67 17.56 -1.89 18.96
CA PHE B 67 16.67 -3.03 18.80
C PHE B 67 17.18 -4.20 19.64
N SER B 68 16.27 -4.85 20.37
CA SER B 68 16.61 -6.08 21.07
C SER B 68 15.44 -7.06 21.00
N GLY B 69 15.77 -8.33 20.92
CA GLY B 69 14.77 -9.38 20.85
C GLY B 69 14.92 -10.36 22.00
N SER B 70 13.79 -10.88 22.47
CA SER B 70 13.79 -11.84 23.55
C SER B 70 12.61 -12.79 23.37
N GLY B 71 12.59 -13.83 24.19
CA GLY B 71 11.47 -14.74 24.22
C GLY B 71 11.90 -16.18 24.27
N SER B 72 10.94 -17.04 24.55
CA SER B 72 11.14 -18.47 24.57
C SER B 72 9.77 -19.12 24.53
N GLU B 73 9.76 -20.44 24.35
CA GLU B 73 8.51 -21.19 24.19
C GLU B 73 7.66 -20.61 23.07
N THR B 74 6.60 -19.87 23.41
CA THR B 74 5.67 -19.38 22.41
C THR B 74 5.52 -17.86 22.36
N ASP B 75 6.27 -17.11 23.15
CA ASP B 75 6.07 -15.66 23.23
C ASP B 75 7.39 -14.95 23.02
N PHE B 76 7.41 -14.02 22.06
CA PHE B 76 8.61 -13.32 21.65
C PHE B 76 8.33 -11.84 21.60
N THR B 77 9.34 -11.04 21.91
CA THR B 77 9.18 -9.59 22.03
C THR B 77 10.31 -8.88 21.32
N LEU B 78 9.97 -7.83 20.58
CA LEU B 78 10.93 -6.92 19.99
C LEU B 78 10.81 -5.58 20.69
N LYS B 79 11.93 -5.05 21.16
CA LYS B 79 11.94 -3.77 21.87
C LYS B 79 12.84 -2.77 21.14
N ILE B 80 12.43 -1.52 21.16
CA ILE B 80 13.25 -0.39 20.74
C ILE B 80 13.46 0.47 21.98
N SER B 81 14.73 0.68 22.34
CA SER B 81 15.01 1.41 23.58
C SER B 81 14.54 2.85 23.49
N ARG B 82 14.80 3.50 22.37
CA ARG B 82 14.35 4.87 22.12
C ARG B 82 14.02 4.97 20.65
N VAL B 83 12.75 5.25 20.34
CA VAL B 83 12.29 5.27 18.96
C VAL B 83 12.91 6.46 18.23
N GLU B 84 13.34 6.22 16.99
CA GLU B 84 13.79 7.26 16.09
C GLU B 84 12.89 7.27 14.87
N ALA B 85 12.96 8.36 14.11
CA ALA B 85 12.03 8.56 13.00
C ALA B 85 12.08 7.40 12.02
N GLU B 86 13.27 6.88 11.72
CA GLU B 86 13.39 5.80 10.75
C GLU B 86 12.80 4.48 11.24
N ASP B 87 12.36 4.41 12.50
CA ASP B 87 11.76 3.18 13.02
C ASP B 87 10.30 3.04 12.65
N LEU B 88 9.68 4.05 12.05
CA LEU B 88 8.30 3.89 11.61
C LEU B 88 8.22 2.88 10.47
N GLY B 89 7.13 2.15 10.42
CA GLY B 89 6.95 1.11 9.43
C GLY B 89 6.26 -0.09 10.04
N VAL B 90 6.27 -1.19 9.29
CA VAL B 90 5.60 -2.42 9.67
C VAL B 90 6.66 -3.44 10.06
N TYR B 91 6.45 -4.10 11.19
CA TYR B 91 7.35 -5.12 11.70
C TYR B 91 6.65 -6.46 11.66
N TYR B 92 7.29 -7.44 11.03
CA TYR B 92 6.76 -8.80 10.93
C TYR B 92 7.68 -9.75 11.67
N CYS B 93 7.11 -10.57 12.55
CA CYS B 93 7.88 -11.72 13.00
C CYS B 93 7.71 -12.86 12.00
N PHE B 94 8.60 -13.85 12.11
CA PHE B 94 8.70 -14.90 11.11
C PHE B 94 9.30 -16.12 11.79
N GLN B 95 8.83 -17.31 11.43
CA GLN B 95 9.42 -18.55 11.93
C GLN B 95 9.96 -19.37 10.78
N GLY B 96 11.21 -19.83 10.92
CA GLY B 96 11.83 -20.72 9.96
C GLY B 96 12.09 -22.11 10.51
N THR B 97 11.61 -22.42 11.72
CA THR B 97 11.86 -23.73 12.28
C THR B 97 11.09 -24.81 11.52
N PHE B 98 9.87 -24.51 11.10
CA PHE B 98 9.00 -25.47 10.45
C PHE B 98 8.62 -24.99 9.05
N PHE B 99 8.41 -25.95 8.17
CA PHE B 99 7.85 -25.72 6.84
C PHE B 99 6.34 -25.89 6.90
N PRO B 100 5.57 -25.04 6.22
CA PRO B 100 6.06 -23.86 5.50
C PRO B 100 6.47 -22.78 6.49
N HIS B 101 7.47 -21.98 6.14
CA HIS B 101 7.80 -20.84 6.96
C HIS B 101 6.65 -19.86 6.93
N THR B 102 6.44 -19.15 8.03
CA THR B 102 5.28 -18.29 8.15
C THR B 102 5.67 -16.97 8.80
N PHE B 103 4.89 -15.93 8.48
CA PHE B 103 5.04 -14.60 9.03
C PHE B 103 3.84 -14.28 9.91
N GLY B 104 4.06 -13.47 10.93
CA GLY B 104 2.96 -12.85 11.62
C GLY B 104 2.28 -11.80 10.75
N GLY B 105 1.15 -11.29 11.23
CA GLY B 105 0.37 -10.34 10.44
C GLY B 105 0.93 -8.93 10.40
N GLY B 106 1.95 -8.63 11.21
CA GLY B 106 2.54 -7.30 11.20
C GLY B 106 2.03 -6.37 12.28
N THR B 107 2.93 -5.54 12.81
CA THR B 107 2.58 -4.43 13.68
C THR B 107 3.10 -3.16 13.05
N LYS B 108 2.23 -2.18 12.83
CA LYS B 108 2.62 -0.92 12.21
C LYS B 108 2.93 0.09 13.30
N LEU B 109 4.15 0.64 13.27
CA LEU B 109 4.51 1.75 14.14
C LEU B 109 4.21 3.04 13.40
N GLU B 110 3.32 3.84 13.97
CA GLU B 110 2.95 5.15 13.43
C GLU B 110 3.20 6.21 14.49
N MET B 111 3.27 7.46 14.04
CA MET B 111 3.65 8.54 14.94
C MET B 111 2.45 9.05 15.70
N LYS B 112 2.56 9.06 17.03
CA LYS B 112 1.53 9.67 17.87
C LYS B 112 1.54 11.18 17.68
N ARG B 113 0.34 11.76 17.63
CA ARG B 113 0.17 13.20 17.64
C ARG B 113 -1.21 13.48 18.23
N ALA B 114 -1.51 14.77 18.40
CA ALA B 114 -2.82 15.16 18.92
C ALA B 114 -3.93 14.80 17.94
N ASP B 115 -5.10 14.47 18.48
CA ASP B 115 -6.26 14.20 17.62
C ASP B 115 -6.55 15.42 16.76
N ALA B 116 -7.02 15.17 15.54
CA ALA B 116 -7.33 16.24 14.60
C ALA B 116 -8.58 15.87 13.80
N ALA B 117 -9.51 16.81 13.70
CA ALA B 117 -10.74 16.57 12.97
C ALA B 117 -10.51 16.71 11.47
N PRO B 118 -11.22 15.93 10.66
CA PRO B 118 -11.05 16.02 9.20
C PRO B 118 -11.65 17.30 8.63
N THR B 119 -10.98 17.83 7.60
CA THR B 119 -11.60 18.83 6.73
C THR B 119 -12.32 18.07 5.61
N VAL B 120 -13.63 18.27 5.51
CA VAL B 120 -14.47 17.50 4.62
C VAL B 120 -15.00 18.41 3.51
N SER B 121 -14.80 17.97 2.26
CA SER B 121 -15.21 18.73 1.08
C SER B 121 -15.91 17.79 0.11
N ILE B 122 -17.06 18.23 -0.41
CA ILE B 122 -17.86 17.43 -1.33
C ILE B 122 -17.88 18.11 -2.70
N PHE B 123 -17.84 17.30 -3.76
CA PHE B 123 -17.73 17.82 -5.13
C PHE B 123 -18.77 17.15 -6.03
N PRO B 124 -19.68 17.91 -6.62
CA PRO B 124 -20.61 17.34 -7.61
C PRO B 124 -19.87 16.90 -8.86
N PRO B 125 -20.51 16.11 -9.73
CA PRO B 125 -19.86 15.70 -10.98
C PRO B 125 -19.43 16.91 -11.79
N SER B 126 -18.32 16.74 -12.50
CA SER B 126 -17.88 17.77 -13.43
C SER B 126 -18.76 17.78 -14.68
N SER B 127 -18.85 18.95 -15.32
CA SER B 127 -19.62 19.04 -16.55
C SER B 127 -19.07 18.10 -17.61
N GLU B 128 -17.74 17.94 -17.67
CA GLU B 128 -17.15 17.05 -18.66
C GLU B 128 -17.57 15.59 -18.43
N GLN B 129 -17.53 15.14 -17.18
CA GLN B 129 -17.94 13.76 -16.93
C GLN B 129 -19.41 13.57 -17.29
N LEU B 130 -20.25 14.54 -16.92
CA LEU B 130 -21.69 14.43 -17.20
C LEU B 130 -21.95 14.31 -18.69
N THR B 131 -21.17 15.03 -19.52
CA THR B 131 -21.35 14.95 -20.96
C THR B 131 -21.12 13.53 -21.47
N SER B 132 -20.18 12.82 -20.86
CA SER B 132 -19.90 11.44 -21.25
C SER B 132 -20.83 10.44 -20.62
N GLY B 133 -21.83 10.90 -19.85
CA GLY B 133 -22.86 10.04 -19.32
C GLY B 133 -22.65 9.55 -17.89
N GLY B 134 -21.56 9.93 -17.23
CA GLY B 134 -21.26 9.49 -15.89
C GLY B 134 -21.44 10.61 -14.86
N ALA B 135 -21.51 10.21 -13.59
CA ALA B 135 -21.68 11.19 -12.51
C ALA B 135 -21.01 10.66 -11.25
N SER B 136 -19.79 11.12 -10.98
CA SER B 136 -19.09 10.77 -9.76
C SER B 136 -19.19 11.94 -8.79
N VAL B 137 -19.51 11.63 -7.54
CA VAL B 137 -19.52 12.61 -6.46
C VAL B 137 -18.33 12.27 -5.57
N VAL B 138 -17.50 13.26 -5.29
CA VAL B 138 -16.25 13.02 -4.58
C VAL B 138 -16.31 13.70 -3.21
N CYS B 139 -15.84 13.00 -2.19
CA CYS B 139 -15.69 13.58 -0.86
C CYS B 139 -14.25 13.37 -0.39
N PHE B 140 -13.56 14.45 -0.04
CA PHE B 140 -12.25 14.37 0.58
C PHE B 140 -12.39 14.61 2.07
N LEU B 141 -11.67 13.84 2.87
CA LEU B 141 -11.66 13.94 4.33
C LEU B 141 -10.20 14.02 4.73
N ASN B 142 -9.71 15.23 4.99
CA ASN B 142 -8.27 15.50 4.94
C ASN B 142 -7.71 15.89 6.30
N ASN B 143 -6.49 15.42 6.56
CA ASN B 143 -5.65 15.83 7.69
C ASN B 143 -6.30 15.54 9.04
N PHE B 144 -6.72 14.29 9.23
CA PHE B 144 -7.32 13.88 10.49
C PHE B 144 -6.41 12.92 11.25
N TYR B 145 -6.69 12.77 12.54
CA TYR B 145 -5.96 11.84 13.40
C TYR B 145 -6.85 11.48 14.58
N PRO B 146 -6.93 10.20 14.98
CA PRO B 146 -6.21 9.03 14.46
C PRO B 146 -6.80 8.54 13.13
N LYS B 147 -6.23 7.45 12.61
CA LYS B 147 -6.49 7.04 11.24
C LYS B 147 -7.87 6.44 11.04
N ASP B 148 -8.55 6.00 12.10
CA ASP B 148 -9.82 5.31 11.93
C ASP B 148 -10.95 6.31 11.65
N ILE B 149 -11.67 6.07 10.56
CA ILE B 149 -12.76 6.94 10.13
C ILE B 149 -13.74 6.09 9.34
N ASN B 150 -15.02 6.50 9.36
CA ASN B 150 -16.06 5.83 8.60
C ASN B 150 -16.81 6.84 7.77
N VAL B 151 -17.04 6.53 6.50
CA VAL B 151 -17.77 7.40 5.58
C VAL B 151 -18.99 6.65 5.07
N LYS B 152 -20.13 7.33 5.11
CA LYS B 152 -21.38 6.82 4.56
C LYS B 152 -21.90 7.81 3.54
N TRP B 153 -22.42 7.30 2.42
CA TRP B 153 -23.03 8.13 1.40
C TRP B 153 -24.55 8.02 1.51
N LYS B 154 -25.23 9.14 1.32
CA LYS B 154 -26.69 9.16 1.29
C LYS B 154 -27.18 9.94 0.08
N ILE B 155 -28.26 9.44 -0.51
CA ILE B 155 -28.92 10.07 -1.65
C ILE B 155 -30.37 10.30 -1.26
N ASP B 156 -30.79 11.56 -1.24
CA ASP B 156 -32.10 11.93 -0.71
C ASP B 156 -32.36 11.28 0.65
N GLY B 157 -31.31 11.26 1.49
CA GLY B 157 -31.39 10.75 2.84
C GLY B 157 -31.23 9.25 3.00
N SER B 158 -31.08 8.49 1.90
CA SER B 158 -31.03 7.03 1.94
C SER B 158 -29.62 6.56 1.63
N GLU B 159 -29.11 5.64 2.45
CA GLU B 159 -27.74 5.20 2.30
C GLU B 159 -27.53 4.50 0.96
N ARG B 160 -26.38 4.75 0.35
CA ARG B 160 -25.97 4.13 -0.92
C ARG B 160 -24.57 3.56 -0.74
N GLN B 161 -24.38 2.30 -1.12
CA GLN B 161 -23.05 1.68 -1.10
C GLN B 161 -22.55 1.24 -2.47
N ASN B 162 -23.44 0.86 -3.37
CA ASN B 162 -23.06 0.43 -4.71
C ASN B 162 -22.45 1.62 -5.45
N GLY B 163 -21.23 1.43 -5.95
CA GLY B 163 -20.53 2.47 -6.69
C GLY B 163 -19.54 3.30 -5.91
N VAL B 164 -19.25 2.94 -4.65
CA VAL B 164 -18.35 3.73 -3.82
C VAL B 164 -16.92 3.17 -3.94
N LEU B 165 -15.97 4.06 -4.17
CA LEU B 165 -14.55 3.72 -4.23
C LEU B 165 -13.80 4.58 -3.23
N ASN B 166 -13.17 3.95 -2.25
CA ASN B 166 -12.44 4.64 -1.20
C ASN B 166 -10.93 4.44 -1.35
N SER B 167 -10.18 5.47 -0.99
CA SER B 167 -8.73 5.37 -0.93
C SER B 167 -8.22 6.16 0.26
N TRP B 168 -7.13 5.68 0.87
CA TRP B 168 -6.59 6.24 2.09
C TRP B 168 -5.11 6.51 1.92
N THR B 169 -4.64 7.66 2.39
CA THR B 169 -3.20 7.90 2.38
C THR B 169 -2.55 7.21 3.58
N ASP B 170 -1.26 6.94 3.44
CA ASP B 170 -0.47 6.59 4.61
C ASP B 170 -0.22 7.85 5.44
N GLN B 171 0.33 7.65 6.63
CA GLN B 171 0.51 8.78 7.54
C GLN B 171 1.46 9.80 6.93
N ASP B 172 1.07 11.07 7.00
CA ASP B 172 1.90 12.12 6.45
C ASP B 172 3.19 12.23 7.25
N SER B 173 4.33 12.26 6.55
CA SER B 173 5.61 12.30 7.24
C SER B 173 5.86 13.61 7.95
N LYS B 174 5.15 14.67 7.59
CA LYS B 174 5.41 16.01 8.13
C LYS B 174 4.44 16.42 9.23
N ASP B 175 3.14 16.14 9.09
CA ASP B 175 2.19 16.51 10.14
C ASP B 175 1.55 15.31 10.83
N SER B 176 1.90 14.09 10.43
CA SER B 176 1.46 12.86 11.09
C SER B 176 -0.05 12.62 10.98
N THR B 177 -0.74 13.30 10.07
CA THR B 177 -2.18 13.07 9.89
C THR B 177 -2.43 12.06 8.78
N TYR B 178 -3.72 11.77 8.58
CA TYR B 178 -4.22 10.84 7.58
C TYR B 178 -5.29 11.55 6.76
N SER B 179 -5.48 11.07 5.52
CA SER B 179 -6.49 11.63 4.64
C SER B 179 -7.19 10.50 3.89
N MET B 180 -8.38 10.82 3.39
CA MET B 180 -9.21 9.82 2.74
C MET B 180 -9.97 10.47 1.58
N SER B 181 -10.17 9.69 0.52
CA SER B 181 -10.99 10.09 -0.61
C SER B 181 -12.07 9.05 -0.83
N SER B 182 -13.31 9.50 -1.01
CA SER B 182 -14.43 8.60 -1.27
C SER B 182 -15.16 9.11 -2.50
N THR B 183 -15.31 8.25 -3.51
CA THR B 183 -15.97 8.62 -4.76
C THR B 183 -17.16 7.70 -4.99
N LEU B 184 -18.34 8.29 -5.11
CA LEU B 184 -19.55 7.56 -5.44
C LEU B 184 -19.85 7.78 -6.92
N THR B 185 -19.83 6.71 -7.72
CA THR B 185 -20.04 6.84 -9.16
C THR B 185 -21.42 6.28 -9.54
N LEU B 186 -22.21 7.13 -10.19
CA LEU B 186 -23.52 6.81 -10.75
C LEU B 186 -23.49 7.09 -12.25
N THR B 187 -24.58 6.73 -12.93
CA THR B 187 -24.79 7.31 -14.26
C THR B 187 -25.40 8.71 -14.13
N LYS B 188 -25.25 9.52 -15.19
CA LYS B 188 -25.88 10.83 -15.16
C LYS B 188 -27.39 10.72 -14.96
N ASP B 189 -28.04 9.75 -15.63
CA ASP B 189 -29.49 9.65 -15.52
C ASP B 189 -29.91 9.21 -14.13
N GLU B 190 -29.14 8.32 -13.49
CA GLU B 190 -29.38 7.99 -12.08
C GLU B 190 -29.19 9.21 -11.20
N TYR B 191 -28.11 9.95 -11.44
CA TYR B 191 -27.83 11.16 -10.68
C TYR B 191 -28.96 12.17 -10.80
N GLU B 192 -29.55 12.29 -11.98
CA GLU B 192 -30.62 13.25 -12.20
C GLU B 192 -31.96 12.82 -11.61
N ARG B 193 -32.04 11.62 -11.03
CA ARG B 193 -33.27 11.15 -10.40
C ARG B 193 -33.39 11.58 -8.95
N HIS B 194 -32.35 12.23 -8.40
CA HIS B 194 -32.33 12.57 -6.99
C HIS B 194 -31.73 13.95 -6.81
N ASN B 195 -31.95 14.53 -5.63
CA ASN B 195 -31.58 15.90 -5.36
C ASN B 195 -30.42 16.04 -4.39
N SER B 196 -30.56 15.54 -3.17
CA SER B 196 -29.54 15.77 -2.15
C SER B 196 -28.52 14.62 -2.12
N TYR B 197 -27.25 14.99 -2.10
CA TYR B 197 -26.13 14.06 -2.05
C TYR B 197 -25.29 14.40 -0.84
N THR B 198 -25.03 13.41 0.02
CA THR B 198 -24.44 13.65 1.32
C THR B 198 -23.29 12.67 1.55
N CYS B 199 -22.17 13.19 2.01
CA CYS B 199 -21.12 12.37 2.58
C CYS B 199 -21.06 12.63 4.08
N GLU B 200 -21.15 11.56 4.85
CA GLU B 200 -21.30 11.63 6.29
C GLU B 200 -20.14 10.88 6.93
N ALA B 201 -19.35 11.58 7.74
CA ALA B 201 -18.15 11.03 8.33
C ALA B 201 -18.31 10.86 9.84
N THR B 202 -17.96 9.69 10.34
CA THR B 202 -17.88 9.46 11.77
C THR B 202 -16.41 9.35 12.15
N HIS B 203 -16.01 10.16 13.12
CA HIS B 203 -14.63 10.22 13.60
C HIS B 203 -14.68 10.62 15.06
N LYS B 204 -13.74 10.08 15.84
CA LYS B 204 -13.81 10.29 17.29
C LYS B 204 -13.68 11.75 17.69
N THR B 205 -13.19 12.62 16.80
CA THR B 205 -13.08 14.04 17.11
C THR B 205 -14.41 14.79 17.02
N SER B 206 -15.48 14.16 16.54
CA SER B 206 -16.77 14.84 16.42
C SER B 206 -17.84 14.07 17.19
N THR B 207 -18.58 14.81 18.01
CA THR B 207 -19.62 14.19 18.84
C THR B 207 -20.69 13.53 17.99
N SER B 208 -21.21 14.24 17.00
CA SER B 208 -22.12 13.69 16.01
C SER B 208 -21.43 13.61 14.65
N PRO B 209 -21.91 12.77 13.74
CA PRO B 209 -21.26 12.65 12.44
C PRO B 209 -21.17 14.00 11.72
N ILE B 210 -20.09 14.15 10.96
CA ILE B 210 -19.89 15.33 10.11
C ILE B 210 -20.63 15.12 8.79
N VAL B 211 -21.36 16.14 8.35
CA VAL B 211 -22.21 16.05 7.17
C VAL B 211 -21.80 17.14 6.20
N LYS B 212 -21.44 16.75 4.98
CA LYS B 212 -21.29 17.68 3.87
C LYS B 212 -22.25 17.24 2.77
N SER B 213 -23.01 18.19 2.24
CA SER B 213 -24.09 17.83 1.33
C SER B 213 -24.25 18.92 0.29
N PHE B 214 -24.86 18.56 -0.84
CA PHE B 214 -25.32 19.56 -1.79
C PHE B 214 -26.61 19.07 -2.42
N ASN B 215 -27.38 20.02 -2.94
CA ASN B 215 -28.58 19.70 -3.72
C ASN B 215 -28.27 19.91 -5.19
N ARG B 216 -28.54 18.89 -5.99
CA ARG B 216 -28.25 18.94 -7.42
C ARG B 216 -29.00 20.08 -8.11
N ASN B 217 -30.26 20.29 -7.75
CA ASN B 217 -31.06 21.28 -8.48
C ASN B 217 -30.80 22.72 -8.05
N GLU B 218 -29.80 22.96 -7.20
CA GLU B 218 -29.47 24.31 -6.76
C GLU B 218 -28.12 24.76 -7.34
N GLN C 1 28.52 -4.69 -1.36
CA GLN C 1 27.42 -4.12 -2.14
C GLN C 1 26.51 -5.25 -2.65
N VAL C 2 25.84 -5.91 -1.72
CA VAL C 2 24.89 -6.97 -2.08
C VAL C 2 23.68 -6.32 -2.73
N GLN C 3 23.31 -6.81 -3.91
CA GLN C 3 22.14 -6.31 -4.62
C GLN C 3 21.38 -7.46 -5.24
N LEU C 4 20.06 -7.44 -5.07
CA LEU C 4 19.14 -8.31 -5.79
C LEU C 4 18.23 -7.37 -6.58
N ARG C 5 18.35 -7.40 -7.91
CA ARG C 5 17.60 -6.50 -8.77
C ARG C 5 16.55 -7.31 -9.50
N GLN C 6 15.28 -6.97 -9.29
CA GLN C 6 14.19 -7.74 -9.85
C GLN C 6 13.65 -7.09 -11.12
N SER C 7 13.07 -7.93 -11.98
CA SER C 7 12.52 -7.45 -13.24
C SER C 7 11.26 -6.61 -12.99
N GLY C 8 10.78 -5.96 -14.05
CA GLY C 8 9.79 -4.91 -13.92
C GLY C 8 8.38 -5.44 -13.75
N PRO C 9 7.43 -4.50 -13.67
CA PRO C 9 6.03 -4.88 -13.41
C PRO C 9 5.47 -5.74 -14.54
N GLU C 10 4.58 -6.64 -14.17
CA GLU C 10 3.98 -7.57 -15.12
C GLU C 10 2.47 -7.43 -15.08
N LEU C 11 1.86 -7.46 -16.26
CA LEU C 11 0.42 -7.45 -16.45
C LEU C 11 0.04 -8.78 -17.07
N VAL C 12 -0.85 -9.52 -16.42
CA VAL C 12 -1.16 -10.90 -16.79
C VAL C 12 -2.67 -11.03 -16.91
N LYS C 13 -3.13 -11.71 -17.97
CA LYS C 13 -4.57 -11.95 -18.02
C LYS C 13 -4.94 -13.13 -17.13
N PRO C 14 -6.16 -13.13 -16.58
CA PRO C 14 -6.59 -14.27 -15.78
C PRO C 14 -6.41 -15.57 -16.55
N GLY C 15 -5.85 -16.58 -15.87
CA GLY C 15 -5.63 -17.88 -16.47
C GLY C 15 -4.28 -18.02 -17.16
N ALA C 16 -3.50 -16.96 -17.26
CA ALA C 16 -2.21 -17.01 -17.91
C ALA C 16 -1.10 -17.15 -16.87
N SER C 17 0.11 -16.75 -17.24
CA SER C 17 1.29 -17.02 -16.43
C SER C 17 2.26 -15.86 -16.53
N VAL C 18 3.30 -15.92 -15.70
CA VAL C 18 4.34 -14.90 -15.68
C VAL C 18 5.64 -15.53 -15.20
N LYS C 19 6.76 -15.05 -15.72
CA LYS C 19 8.08 -15.45 -15.24
C LYS C 19 8.88 -14.19 -14.93
N MET C 20 9.40 -14.11 -13.72
CA MET C 20 10.13 -12.92 -13.28
C MET C 20 11.54 -13.31 -12.86
N SER C 21 12.44 -12.31 -12.87
CA SER C 21 13.86 -12.54 -12.64
C SER C 21 14.35 -11.79 -11.41
N CYS C 22 15.41 -12.33 -10.82
CA CYS C 22 16.05 -11.79 -9.62
C CYS C 22 17.54 -11.85 -9.89
N ARG C 23 18.14 -10.70 -10.22
CA ARG C 23 19.52 -10.62 -10.68
C ARG C 23 20.42 -10.26 -9.50
N ALA C 24 21.28 -11.20 -9.11
CA ALA C 24 22.12 -11.03 -7.93
C ALA C 24 23.51 -10.50 -8.29
N SER C 25 24.07 -9.72 -7.38
CA SER C 25 25.47 -9.27 -7.50
C SER C 25 26.02 -8.94 -6.13
N GLY C 26 27.35 -8.86 -6.04
CA GLY C 26 28.01 -8.42 -4.83
C GLY C 26 28.36 -9.51 -3.85
N TYR C 27 28.16 -10.78 -4.21
CA TYR C 27 28.44 -11.88 -3.31
C TYR C 27 28.54 -13.15 -4.14
N THR C 28 28.96 -14.23 -3.51
CA THR C 28 29.06 -15.53 -4.17
C THR C 28 27.68 -16.15 -4.26
N PHE C 29 27.14 -16.20 -5.47
CA PHE C 29 25.73 -16.55 -5.69
C PHE C 29 25.40 -17.94 -5.14
N THR C 30 26.34 -18.87 -5.25
CA THR C 30 26.11 -20.25 -4.82
C THR C 30 26.26 -20.46 -3.33
N ASN C 31 26.55 -19.43 -2.55
CA ASN C 31 26.70 -19.59 -1.10
C ASN C 31 25.42 -19.28 -0.33
N TYR C 32 24.34 -18.92 -1.01
CA TYR C 32 23.09 -18.59 -0.32
C TYR C 32 21.90 -19.09 -1.11
N ASN C 33 20.86 -19.52 -0.40
CA ASN C 33 19.58 -19.82 -1.03
C ASN C 33 18.89 -18.53 -1.47
N ILE C 34 18.05 -18.63 -2.48
CA ILE C 34 17.16 -17.53 -2.87
C ILE C 34 15.74 -17.92 -2.46
N HIS C 35 15.16 -17.14 -1.55
CA HIS C 35 13.77 -17.30 -1.15
C HIS C 35 12.89 -16.36 -1.96
N TRP C 36 11.62 -16.70 -2.04
CA TRP C 36 10.61 -15.83 -2.64
C TRP C 36 9.46 -15.65 -1.67
N VAL C 37 8.91 -14.43 -1.66
CA VAL C 37 7.88 -14.02 -0.71
C VAL C 37 6.85 -13.19 -1.46
N ARG C 38 5.57 -13.39 -1.13
CA ARG C 38 4.46 -12.68 -1.75
C ARG C 38 3.87 -11.66 -0.77
N GLN C 39 3.53 -10.48 -1.28
CA GLN C 39 2.80 -9.47 -0.51
C GLN C 39 1.62 -8.98 -1.35
N ARG C 40 0.43 -9.47 -1.04
CA ARG C 40 -0.77 -9.01 -1.73
C ARG C 40 -1.09 -7.57 -1.31
N PRO C 41 -1.82 -6.83 -2.14
CA PRO C 41 -2.06 -5.40 -1.83
C PRO C 41 -2.73 -5.23 -0.49
N GLY C 42 -2.13 -4.40 0.36
CA GLY C 42 -2.66 -4.12 1.68
C GLY C 42 -2.49 -5.24 2.69
N GLN C 43 -1.77 -6.30 2.34
CA GLN C 43 -1.64 -7.46 3.21
C GLN C 43 -0.20 -7.63 3.67
N GLY C 44 0.02 -8.70 4.42
CA GLY C 44 1.33 -9.03 4.94
C GLY C 44 2.11 -9.91 3.99
N LEU C 45 3.05 -10.66 4.57
CA LEU C 45 4.02 -11.44 3.82
C LEU C 45 3.69 -12.92 3.89
N GLU C 46 3.92 -13.62 2.78
CA GLU C 46 3.74 -15.07 2.71
C GLU C 46 4.95 -15.68 2.05
N TRP C 47 5.49 -16.72 2.67
CA TRP C 47 6.68 -17.38 2.16
C TRP C 47 6.31 -18.39 1.08
N ILE C 48 6.94 -18.26 -0.09
CA ILE C 48 6.63 -19.12 -1.24
C ILE C 48 7.51 -20.35 -1.28
N GLY C 49 8.82 -20.17 -1.15
CA GLY C 49 9.75 -21.28 -1.29
C GLY C 49 11.16 -20.75 -1.44
N TRP C 50 12.10 -21.69 -1.59
CA TRP C 50 13.47 -21.32 -1.90
C TRP C 50 14.08 -22.28 -2.91
N ILE C 51 15.19 -21.82 -3.50
CA ILE C 51 16.03 -22.64 -4.36
C ILE C 51 17.48 -22.48 -3.93
N TYR C 52 18.23 -23.59 -3.98
CA TYR C 52 19.65 -23.58 -3.67
C TYR C 52 20.41 -23.56 -4.98
N PRO C 53 21.11 -22.48 -5.32
CA PRO C 53 21.68 -22.39 -6.68
C PRO C 53 22.76 -23.42 -7.01
N VAL C 54 23.37 -24.08 -6.02
CA VAL C 54 24.42 -25.04 -6.33
C VAL C 54 23.87 -26.20 -7.15
N ASP C 55 22.73 -26.75 -6.71
CA ASP C 55 22.20 -27.98 -7.31
C ASP C 55 20.73 -27.87 -7.70
N GLY C 56 20.13 -26.68 -7.62
CA GLY C 56 18.75 -26.53 -8.02
C GLY C 56 17.73 -27.15 -7.10
N THR C 57 18.12 -27.59 -5.90
CA THR C 57 17.16 -28.12 -4.95
C THR C 57 16.18 -27.02 -4.55
N THR C 58 14.91 -27.39 -4.40
CA THR C 58 13.85 -26.46 -4.09
C THR C 58 13.05 -26.96 -2.90
N LYS C 59 12.40 -26.01 -2.24
CA LYS C 59 11.42 -26.28 -1.20
C LYS C 59 10.27 -25.31 -1.43
N TYR C 60 9.04 -25.82 -1.45
CA TYR C 60 7.86 -25.01 -1.70
C TYR C 60 6.91 -25.08 -0.52
N ASN C 61 6.31 -23.94 -0.19
CA ASN C 61 5.07 -23.91 0.57
C ASN C 61 4.01 -24.67 -0.21
N GLU C 62 3.36 -25.65 0.43
CA GLU C 62 2.35 -26.47 -0.24
C GLU C 62 1.29 -25.60 -0.92
N LYS C 63 0.95 -24.47 -0.29
CA LYS C 63 -0.06 -23.57 -0.83
C LYS C 63 0.32 -23.03 -2.20
N PHE C 64 1.63 -22.91 -2.49
CA PHE C 64 2.10 -22.33 -3.74
C PHE C 64 2.65 -23.37 -4.72
N LYS C 65 2.70 -24.63 -4.29
CA LYS C 65 3.41 -25.66 -5.03
C LYS C 65 2.84 -25.87 -6.43
N ASP C 66 1.51 -25.83 -6.57
CA ASP C 66 0.90 -26.15 -7.86
C ASP C 66 1.11 -25.06 -8.90
N LYS C 67 1.26 -23.81 -8.46
CA LYS C 67 1.32 -22.68 -9.36
C LYS C 67 2.74 -22.16 -9.59
N THR C 68 3.72 -22.60 -8.80
CA THR C 68 5.01 -21.95 -8.73
C THR C 68 6.13 -22.89 -9.18
N THR C 69 7.04 -22.36 -9.99
CA THR C 69 8.27 -23.06 -10.34
C THR C 69 9.45 -22.12 -10.12
N LEU C 70 10.37 -22.52 -9.26
CA LEU C 70 11.59 -21.76 -9.00
C LEU C 70 12.73 -22.40 -9.78
N THR C 71 13.51 -21.57 -10.47
CA THR C 71 14.71 -22.03 -11.16
C THR C 71 15.84 -21.04 -10.89
N SER C 72 17.06 -21.42 -11.28
CA SER C 72 18.19 -20.50 -11.16
C SER C 72 19.26 -20.87 -12.19
N ASP C 73 20.05 -19.86 -12.54
CA ASP C 73 21.15 -20.01 -13.48
C ASP C 73 22.40 -19.49 -12.78
N LYS C 74 23.26 -20.41 -12.35
CA LYS C 74 24.49 -20.03 -11.66
C LYS C 74 25.37 -19.14 -12.54
N SER C 75 25.46 -19.46 -13.84
CA SER C 75 26.39 -18.75 -14.70
C SER C 75 26.07 -17.26 -14.81
N SER C 76 24.80 -16.89 -14.65
CA SER C 76 24.37 -15.50 -14.72
C SER C 76 23.96 -14.93 -13.38
N SER C 77 24.11 -15.68 -12.29
CA SER C 77 23.72 -15.23 -10.95
C SER C 77 22.30 -14.71 -10.91
N THR C 78 21.38 -15.44 -11.55
CA THR C 78 20.00 -15.01 -11.68
C THR C 78 19.07 -16.13 -11.23
N ALA C 79 18.11 -15.80 -10.39
CA ALA C 79 17.04 -16.71 -10.00
C ALA C 79 15.76 -16.29 -10.70
N TYR C 80 14.88 -17.25 -10.97
CA TYR C 80 13.62 -16.98 -11.64
C TYR C 80 12.46 -17.61 -10.88
N MET C 81 11.30 -16.99 -10.98
CA MET C 81 10.06 -17.58 -10.48
C MET C 81 9.01 -17.49 -11.56
N SER C 82 8.41 -18.64 -11.88
CA SER C 82 7.29 -18.71 -12.81
C SER C 82 6.02 -19.00 -12.04
N LEU C 83 4.97 -18.25 -12.33
CA LEU C 83 3.67 -18.41 -11.69
C LEU C 83 2.67 -18.71 -12.78
N SER C 84 1.91 -19.79 -12.61
CA SER C 84 1.06 -20.32 -13.67
C SER C 84 -0.39 -20.41 -13.22
N GLY C 85 -1.31 -20.04 -14.11
CA GLY C 85 -2.73 -20.19 -13.86
C GLY C 85 -3.27 -19.18 -12.88
N LEU C 86 -3.05 -17.91 -13.17
CA LEU C 86 -3.25 -16.86 -12.19
C LEU C 86 -4.69 -16.34 -12.18
N THR C 87 -5.08 -15.82 -11.02
CA THR C 87 -6.29 -15.05 -10.84
C THR C 87 -5.92 -13.77 -10.11
N SER C 88 -6.92 -12.91 -9.85
CA SER C 88 -6.63 -11.68 -9.14
C SER C 88 -6.09 -11.93 -7.73
N GLU C 89 -6.29 -13.14 -7.18
CA GLU C 89 -5.69 -13.48 -5.90
C GLU C 89 -4.17 -13.39 -5.98
N ASP C 90 -3.62 -13.59 -7.16
CA ASP C 90 -2.17 -13.59 -7.36
C ASP C 90 -1.61 -12.20 -7.64
N SER C 91 -2.45 -11.18 -7.77
CA SER C 91 -1.95 -9.82 -7.87
C SER C 91 -1.25 -9.45 -6.58
N ALA C 92 0.03 -9.07 -6.68
CA ALA C 92 0.85 -8.89 -5.48
C ALA C 92 2.20 -8.35 -5.91
N ILE C 93 2.99 -7.92 -4.93
CA ILE C 93 4.41 -7.69 -5.11
C ILE C 93 5.14 -8.94 -4.65
N TYR C 94 6.05 -9.44 -5.48
CA TYR C 94 6.81 -10.64 -5.20
C TYR C 94 8.26 -10.27 -4.98
N PHE C 95 8.82 -10.68 -3.84
CA PHE C 95 10.20 -10.36 -3.50
C PHE C 95 11.05 -11.62 -3.60
N CYS C 96 12.28 -11.47 -4.09
CA CYS C 96 13.29 -12.48 -3.83
C CYS C 96 14.19 -12.01 -2.69
N ALA C 97 14.88 -12.97 -2.07
CA ALA C 97 15.71 -12.63 -0.93
C ALA C 97 16.85 -13.63 -0.81
N ARG C 98 18.03 -13.11 -0.47
CA ARG C 98 19.24 -13.93 -0.31
C ARG C 98 19.27 -14.48 1.11
N GLY C 99 18.86 -15.74 1.29
CA GLY C 99 18.79 -16.32 2.61
C GLY C 99 18.00 -15.48 3.59
N LEU C 100 17.05 -14.69 3.07
CA LEU C 100 16.23 -13.74 3.82
C LEU C 100 16.99 -12.54 4.38
N ASP C 101 18.31 -12.40 4.16
CA ASP C 101 19.07 -11.32 4.78
C ASP C 101 19.13 -10.06 3.94
N ASN C 102 18.82 -10.14 2.64
CA ASN C 102 18.84 -9.00 1.73
C ASN C 102 17.78 -9.29 0.69
N TRP C 103 16.86 -8.35 0.50
CA TRP C 103 15.71 -8.58 -0.34
C TRP C 103 15.79 -7.71 -1.59
N GLY C 104 15.34 -8.27 -2.71
CA GLY C 104 15.13 -7.48 -3.91
C GLY C 104 14.05 -6.44 -3.71
N GLN C 105 13.91 -5.56 -4.70
CA GLN C 105 13.00 -4.44 -4.54
C GLN C 105 11.55 -4.82 -4.83
N GLY C 106 11.30 -6.01 -5.36
CA GLY C 106 9.96 -6.50 -5.63
C GLY C 106 9.55 -6.33 -7.08
N THR C 107 8.73 -7.28 -7.55
CA THR C 107 8.12 -7.26 -8.87
C THR C 107 6.61 -7.30 -8.67
N SER C 108 5.91 -6.28 -9.19
CA SER C 108 4.46 -6.23 -9.12
C SER C 108 3.87 -7.07 -10.24
N VAL C 109 2.89 -7.92 -9.89
CA VAL C 109 2.08 -8.64 -10.87
C VAL C 109 0.64 -8.17 -10.70
N THR C 110 0.02 -7.74 -11.80
CA THR C 110 -1.39 -7.37 -11.81
C THR C 110 -2.12 -8.31 -12.75
N VAL C 111 -3.05 -9.10 -12.21
CA VAL C 111 -3.78 -10.09 -12.98
C VAL C 111 -5.14 -9.50 -13.30
N SER C 112 -5.35 -9.14 -14.57
CA SER C 112 -6.53 -8.38 -14.99
C SER C 112 -6.78 -8.62 -16.47
N SER C 113 -8.06 -8.55 -16.84
CA SER C 113 -8.46 -8.60 -18.24
C SER C 113 -8.26 -7.29 -18.98
N ALA C 114 -7.85 -6.23 -18.28
CA ALA C 114 -7.81 -4.91 -18.88
C ALA C 114 -6.71 -4.80 -19.94
N LYS C 115 -6.97 -3.96 -20.93
CA LYS C 115 -5.97 -3.49 -21.89
C LYS C 115 -5.60 -2.06 -21.54
N THR C 116 -4.54 -1.57 -22.19
CA THR C 116 -4.13 -0.18 -21.97
C THR C 116 -5.29 0.76 -22.26
N THR C 117 -5.61 1.61 -21.28
CA THR C 117 -6.78 2.46 -21.33
C THR C 117 -6.41 3.82 -20.74
N ALA C 118 -6.56 4.87 -21.53
CA ALA C 118 -6.22 6.21 -21.08
C ALA C 118 -7.25 6.68 -20.05
N PRO C 119 -6.82 7.47 -19.07
CA PRO C 119 -7.75 7.98 -18.07
C PRO C 119 -8.61 9.11 -18.60
N SER C 120 -9.78 9.26 -17.99
CA SER C 120 -10.52 10.50 -18.07
C SER C 120 -10.11 11.34 -16.87
N VAL C 121 -9.89 12.63 -17.11
CA VAL C 121 -9.40 13.53 -16.07
C VAL C 121 -10.41 14.65 -15.89
N TYR C 122 -10.95 14.76 -14.68
CA TYR C 122 -12.04 15.69 -14.43
C TYR C 122 -11.63 16.71 -13.38
N PRO C 123 -11.83 18.00 -13.66
CA PRO C 123 -11.61 19.04 -12.64
C PRO C 123 -12.78 19.05 -11.67
N LEU C 124 -12.46 19.22 -10.38
CA LEU C 124 -13.45 19.26 -9.32
C LEU C 124 -13.42 20.63 -8.64
N ALA C 125 -14.39 21.47 -8.99
CA ALA C 125 -14.53 22.79 -8.39
C ALA C 125 -15.52 22.72 -7.24
N PRO C 126 -15.46 23.65 -6.29
CA PRO C 126 -16.36 23.59 -5.14
C PRO C 126 -17.82 23.73 -5.56
N VAL C 127 -18.71 23.34 -4.64
CA VAL C 127 -20.15 23.49 -4.86
C VAL C 127 -20.47 24.93 -5.22
N CYS C 128 -21.38 25.12 -6.17
CA CYS C 128 -21.78 26.45 -6.67
C CYS C 128 -22.15 27.41 -5.55
N GLY C 133 -15.73 30.41 2.77
CA GLY C 133 -14.70 30.28 3.78
C GLY C 133 -13.37 30.81 3.30
N SER C 134 -12.41 30.96 4.22
CA SER C 134 -11.10 31.47 3.85
C SER C 134 -10.17 30.41 3.31
N SER C 135 -10.54 29.14 3.41
CA SER C 135 -9.80 28.04 2.82
C SER C 135 -10.62 27.44 1.69
N VAL C 136 -9.95 26.99 0.63
CA VAL C 136 -10.62 26.44 -0.54
C VAL C 136 -9.94 25.12 -0.89
N THR C 137 -10.73 24.06 -1.03
CA THR C 137 -10.21 22.78 -1.50
C THR C 137 -10.76 22.49 -2.89
N LEU C 138 -9.84 22.17 -3.81
CA LEU C 138 -10.16 21.78 -5.17
C LEU C 138 -9.71 20.35 -5.37
N GLY C 139 -10.22 19.70 -6.42
CA GLY C 139 -9.88 18.32 -6.64
C GLY C 139 -9.71 18.00 -8.12
N CYS C 140 -9.17 16.80 -8.34
CA CYS C 140 -8.98 16.26 -9.68
CA CYS C 140 -9.07 16.27 -9.69
C CYS C 140 -9.25 14.76 -9.63
N LEU C 141 -10.11 14.27 -10.51
CA LEU C 141 -10.50 12.87 -10.50
C LEU C 141 -9.97 12.22 -11.78
N VAL C 142 -9.20 11.16 -11.61
CA VAL C 142 -8.52 10.47 -12.71
C VAL C 142 -9.14 9.08 -12.77
N LYS C 143 -10.03 8.84 -13.72
CA LYS C 143 -10.91 7.69 -13.68
C LYS C 143 -10.73 6.80 -14.90
N GLY C 144 -10.73 5.48 -14.67
CA GLY C 144 -10.86 4.53 -15.75
C GLY C 144 -9.62 4.27 -16.57
N TYR C 145 -8.46 4.11 -15.94
CA TYR C 145 -7.24 3.88 -16.68
C TYR C 145 -6.61 2.54 -16.34
N PHE C 146 -5.71 2.11 -17.22
CA PHE C 146 -4.93 0.89 -16.99
C PHE C 146 -3.73 0.96 -17.90
N PRO C 147 -2.54 0.57 -17.44
CA PRO C 147 -2.17 0.13 -16.08
C PRO C 147 -1.69 1.32 -15.27
N GLU C 148 -1.20 1.05 -14.07
CA GLU C 148 -0.45 2.04 -13.34
C GLU C 148 0.89 2.27 -14.05
N PRO C 149 1.50 3.45 -13.89
CA PRO C 149 1.06 4.57 -13.06
C PRO C 149 0.52 5.72 -13.87
N VAL C 150 -0.08 6.66 -13.17
CA VAL C 150 -0.29 8.02 -13.67
C VAL C 150 0.57 8.94 -12.83
N THR C 151 0.95 10.06 -13.42
CA THR C 151 1.51 11.16 -12.65
C THR C 151 0.48 12.27 -12.57
N LEU C 152 0.39 12.92 -11.42
CA LEU C 152 -0.52 14.03 -11.23
C LEU C 152 0.24 15.13 -10.52
N THR C 153 0.18 16.34 -11.07
CA THR C 153 0.74 17.52 -10.43
C THR C 153 -0.31 18.63 -10.48
N TRP C 154 -0.04 19.67 -9.70
CA TRP C 154 -0.87 20.87 -9.69
C TRP C 154 0.02 22.06 -10.11
N ASN C 155 -0.44 22.81 -11.09
CA ASN C 155 0.32 23.94 -11.63
C ASN C 155 1.77 23.52 -11.93
N SER C 156 1.89 22.35 -12.57
CA SER C 156 3.17 21.84 -13.04
C SER C 156 4.18 21.73 -11.90
N GLY C 157 3.70 21.37 -10.71
CA GLY C 157 4.55 21.18 -9.57
C GLY C 157 4.76 22.40 -8.69
N SER C 158 4.24 23.56 -9.09
CA SER C 158 4.41 24.76 -8.28
C SER C 158 3.46 24.80 -7.10
N LEU C 159 2.36 24.06 -7.15
CA LEU C 159 1.49 23.85 -6.00
C LEU C 159 1.85 22.46 -5.48
N SER C 160 2.64 22.43 -4.40
CA SER C 160 3.15 21.19 -3.85
C SER C 160 2.72 20.93 -2.41
N SER C 161 2.58 21.97 -1.60
CA SER C 161 2.08 21.79 -0.25
C SER C 161 0.56 21.85 -0.27
N GLY C 162 -0.06 21.33 0.77
CA GLY C 162 -1.51 21.27 0.81
C GLY C 162 -2.13 20.33 -0.23
N VAL C 163 -1.33 19.42 -0.81
CA VAL C 163 -1.81 18.46 -1.80
C VAL C 163 -1.95 17.10 -1.13
N HIS C 164 -3.05 16.41 -1.43
CA HIS C 164 -3.21 15.00 -1.08
C HIS C 164 -3.52 14.25 -2.36
N THR C 165 -2.59 13.42 -2.82
CA THR C 165 -2.82 12.55 -3.95
C THR C 165 -2.97 11.13 -3.43
N PHE C 166 -4.09 10.52 -3.75
CA PHE C 166 -4.47 9.27 -3.11
C PHE C 166 -3.99 8.06 -3.92
N PRO C 167 -3.64 6.97 -3.24
CA PRO C 167 -3.25 5.75 -3.97
C PRO C 167 -4.34 5.31 -4.93
N ALA C 168 -3.92 4.86 -6.11
CA ALA C 168 -4.85 4.34 -7.08
C ALA C 168 -5.52 3.08 -6.54
N VAL C 169 -6.76 2.87 -6.95
CA VAL C 169 -7.54 1.68 -6.56
C VAL C 169 -8.06 1.02 -7.82
N LEU C 170 -7.82 -0.28 -7.94
CA LEU C 170 -8.31 -1.07 -9.06
C LEU C 170 -9.69 -1.59 -8.69
N GLN C 171 -10.69 -1.25 -9.51
CA GLN C 171 -12.07 -1.67 -9.28
C GLN C 171 -12.69 -1.97 -10.63
N SER C 172 -13.24 -3.16 -10.79
CA SER C 172 -13.82 -3.57 -12.07
C SER C 172 -12.83 -3.41 -13.22
N ASP C 173 -11.57 -3.76 -12.97
CA ASP C 173 -10.52 -3.83 -13.97
C ASP C 173 -10.12 -2.48 -14.55
N LEU C 174 -10.36 -1.40 -13.82
CA LEU C 174 -9.80 -0.10 -14.17
C LEU C 174 -9.41 0.61 -12.88
N TYR C 175 -8.42 1.48 -12.99
CA TYR C 175 -7.94 2.23 -11.85
C TYR C 175 -8.64 3.58 -11.76
N THR C 176 -8.84 4.05 -10.53
CA THR C 176 -9.23 5.40 -10.25
C THR C 176 -8.24 5.98 -9.24
N LEU C 177 -7.87 7.23 -9.47
CA LEU C 177 -7.04 7.98 -8.54
C LEU C 177 -7.65 9.37 -8.41
N SER C 178 -7.38 10.03 -7.29
CA SER C 178 -7.87 11.39 -7.10
C SER C 178 -6.83 12.19 -6.34
N SER C 179 -6.97 13.51 -6.41
CA SER C 179 -6.06 14.40 -5.69
C SER C 179 -6.82 15.65 -5.28
N SER C 180 -6.52 16.14 -4.08
CA SER C 180 -7.05 17.42 -3.61
C SER C 180 -5.91 18.40 -3.42
N VAL C 181 -6.20 19.69 -3.62
CA VAL C 181 -5.27 20.75 -3.26
C VAL C 181 -6.04 21.81 -2.49
N THR C 182 -5.43 22.32 -1.42
CA THR C 182 -6.06 23.30 -0.56
C THR C 182 -5.24 24.58 -0.58
N VAL C 183 -5.91 25.71 -0.85
CA VAL C 183 -5.27 27.01 -0.97
C VAL C 183 -6.13 28.04 -0.25
N THR C 184 -5.57 29.22 -0.01
CA THR C 184 -6.37 30.28 0.59
C THR C 184 -7.36 30.83 -0.42
N SER C 185 -8.47 31.36 0.09
CA SER C 185 -9.50 31.91 -0.79
C SER C 185 -8.97 33.12 -1.56
N SER C 186 -7.96 33.81 -1.03
CA SER C 186 -7.36 34.93 -1.75
C SER C 186 -6.55 34.49 -2.96
N THR C 187 -6.29 33.18 -3.13
CA THR C 187 -5.53 32.71 -4.28
C THR C 187 -6.37 32.03 -5.36
N TRP C 188 -7.60 31.61 -5.03
CA TRP C 188 -8.45 30.98 -6.04
C TRP C 188 -9.88 31.46 -5.82
N PRO C 189 -10.61 31.83 -6.89
CA PRO C 189 -10.24 31.69 -8.30
C PRO C 189 -9.44 32.85 -8.91
N SER C 190 -8.88 33.75 -8.08
CA SER C 190 -8.15 34.87 -8.64
C SER C 190 -6.92 34.41 -9.42
N GLN C 191 -6.34 33.27 -9.06
CA GLN C 191 -5.23 32.69 -9.81
C GLN C 191 -5.67 31.37 -10.42
N SER C 192 -4.96 30.99 -11.49
CA SER C 192 -5.24 29.77 -12.23
C SER C 192 -4.71 28.56 -11.46
N ILE C 193 -5.54 27.53 -11.32
CA ILE C 193 -5.10 26.26 -10.74
C ILE C 193 -5.50 25.16 -11.70
N THR C 194 -4.52 24.35 -12.11
CA THR C 194 -4.68 23.33 -13.13
C THR C 194 -4.10 22.02 -12.64
N CYS C 195 -4.81 20.93 -12.87
CA CYS C 195 -4.36 19.57 -12.61
CA CYS C 195 -4.25 19.63 -12.59
C CYS C 195 -3.69 19.03 -13.88
N ASN C 196 -2.47 18.51 -13.76
CA ASN C 196 -1.73 18.00 -14.90
C ASN C 196 -1.58 16.50 -14.70
N VAL C 197 -2.06 15.72 -15.66
CA VAL C 197 -2.08 14.27 -15.53
C VAL C 197 -1.40 13.65 -16.74
N ALA C 198 -0.46 12.75 -16.49
CA ALA C 198 0.19 11.98 -17.53
C ALA C 198 0.00 10.49 -17.28
N HIS C 199 -0.23 9.74 -18.35
CA HIS C 199 -0.36 8.28 -18.29
C HIS C 199 0.57 7.73 -19.35
N PRO C 200 1.82 7.41 -18.97
CA PRO C 200 2.82 7.04 -19.98
C PRO C 200 2.40 5.89 -20.87
N ALA C 201 1.72 4.88 -20.31
CA ALA C 201 1.39 3.69 -21.09
C ALA C 201 0.49 4.00 -22.29
N SER C 202 -0.37 5.01 -22.17
CA SER C 202 -1.23 5.43 -23.27
C SER C 202 -0.73 6.70 -23.96
N SER C 203 0.45 7.18 -23.59
CA SER C 203 1.01 8.41 -24.16
C SER C 203 0.03 9.57 -24.05
N THR C 204 -0.67 9.64 -22.92
CA THR C 204 -1.61 10.71 -22.68
C THR C 204 -1.02 11.73 -21.70
N LYS C 205 -1.25 13.00 -21.99
CA LYS C 205 -0.82 14.09 -21.12
C LYS C 205 -1.87 15.18 -21.26
N VAL C 206 -2.61 15.46 -20.18
CA VAL C 206 -3.70 16.42 -20.23
C VAL C 206 -3.61 17.38 -19.05
N ASP C 207 -4.12 18.58 -19.27
CA ASP C 207 -4.21 19.62 -18.26
C ASP C 207 -5.67 20.03 -18.13
N LYS C 208 -6.19 20.03 -16.91
CA LYS C 208 -7.57 20.44 -16.65
C LYS C 208 -7.56 21.59 -15.66
N LYS C 209 -7.93 22.77 -16.14
CA LYS C 209 -8.05 23.94 -15.27
C LYS C 209 -9.32 23.83 -14.41
N ILE C 210 -9.18 24.17 -13.13
CA ILE C 210 -10.34 24.18 -12.24
C ILE C 210 -11.07 25.49 -12.43
N GLU C 211 -12.34 25.42 -12.88
CA GLU C 211 -13.10 26.64 -13.10
C GLU C 211 -14.27 26.72 -12.14
N PRO C 212 -14.58 27.90 -11.60
CA PRO C 212 -15.77 28.05 -10.78
C PRO C 212 -17.02 27.57 -11.52
N ARG C 213 -17.90 26.87 -10.79
CA ARG C 213 -19.10 26.34 -11.40
C ARG C 213 -20.13 27.45 -11.65
N GLY C 214 -20.99 27.21 -12.63
CA GLY C 214 -22.07 28.14 -12.94
C GLY C 214 -23.43 27.47 -13.00
#